data_4Z0T
#
_entry.id   4Z0T
#
_cell.length_a   80.210
_cell.length_b   80.210
_cell.length_c   145.280
_cell.angle_alpha   90.000
_cell.angle_beta   90.000
_cell.angle_gamma   90.000
#
_symmetry.space_group_name_H-M   'I 41 2 2'
#
loop_
_entity.id
_entity.type
_entity.pdbx_description
1 polymer 'Oxidoreductase, short-chain dehydrogenase/reductase family'
2 non-polymer 1,2-ETHANEDIOL
3 non-polymer 'BROMIDE ION'
4 water water
#
_entity_poly.entity_id   1
_entity_poly.type   'polypeptide(L)'
_entity_poly.pdbx_seq_one_letter_code
;MAHHHHHHMNIDLTGRLALVTGASRGIGYFLSLELAKRGAHVIAVARTVGGLEELDDEIRKLGSSATLVPLDITDMEALD
RLGGTIHERWGKLDILVANAGILGTISPIGHVEAKTFEKVMNINVTSVWRLIRSVDPLLRASDAGRAIMLSSGVAHSCRA
FWGPYAASKAAVEVMARCWAEETKKMKLKINSVNPGATRTAMRAQAMPGEDPETLPTPQSVAEKIVKLADPKLEVTGKLF
DVRQDRFLDYHMPS
;
_entity_poly.pdbx_strand_id   A
#
# COMPACT_ATOMS: atom_id res chain seq x y z
N ILE A 11 18.29 -6.12 -3.75
CA ILE A 11 17.22 -5.90 -4.71
C ILE A 11 17.50 -4.64 -5.52
N ASP A 12 17.70 -4.82 -6.82
CA ASP A 12 18.04 -3.71 -7.69
C ASP A 12 16.81 -3.22 -8.45
N LEU A 13 16.39 -2.01 -8.14
CA LEU A 13 15.23 -1.42 -8.78
C LEU A 13 15.64 -0.28 -9.71
N THR A 14 16.87 -0.33 -10.22
CA THR A 14 17.35 0.70 -11.13
C THR A 14 16.46 0.73 -12.37
N GLY A 15 16.12 1.94 -12.81
CA GLY A 15 15.27 2.11 -13.99
C GLY A 15 13.81 1.77 -13.79
N ARG A 16 13.43 1.42 -12.55
CA ARG A 16 12.05 1.06 -12.25
C ARG A 16 11.25 2.27 -11.81
N LEU A 17 9.96 2.24 -12.12
CA LEU A 17 9.03 3.31 -11.77
C LEU A 17 8.03 2.80 -10.74
N ALA A 18 7.94 3.49 -9.61
CA ALA A 18 7.05 3.08 -8.53
C ALA A 18 6.06 4.17 -8.21
N LEU A 19 4.81 3.77 -7.97
CA LEU A 19 3.75 4.67 -7.56
C LEU A 19 3.37 4.33 -6.13
N VAL A 20 3.52 5.28 -5.21
CA VAL A 20 3.22 5.05 -3.80
C VAL A 20 2.15 6.01 -3.34
N THR A 21 1.01 5.50 -2.89
CA THR A 21 -0.01 6.36 -2.33
C THR A 21 0.15 6.46 -0.81
N GLY A 22 -0.47 7.46 -0.21
CA GLY A 22 -0.26 7.74 1.21
C GLY A 22 1.21 7.93 1.54
N ALA A 23 1.91 8.64 0.65
CA ALA A 23 3.36 8.67 0.68
C ALA A 23 3.96 9.67 1.68
N SER A 24 3.15 10.54 2.26
CA SER A 24 3.70 11.64 3.06
C SER A 24 3.92 11.30 4.54
N ARG A 25 3.46 10.15 5.00
CA ARG A 25 3.70 9.75 6.38
C ARG A 25 3.59 8.24 6.56
N GLY A 26 3.98 7.76 7.73
CA GLY A 26 3.92 6.34 8.03
C GLY A 26 4.66 5.43 7.07
N ILE A 27 4.12 4.24 6.85
CA ILE A 27 4.75 3.22 6.02
CA ILE A 27 4.80 3.25 6.03
C ILE A 27 4.96 3.73 4.59
N GLY A 28 4.01 4.52 4.11
CA GLY A 28 4.10 5.05 2.75
C GLY A 28 5.33 5.91 2.57
N TYR A 29 5.59 6.74 3.58
CA TYR A 29 6.77 7.58 3.62
C TYR A 29 8.05 6.73 3.60
N PHE A 30 8.15 5.80 4.54
CA PHE A 30 9.35 5.01 4.66
C PHE A 30 9.55 4.05 3.49
N LEU A 31 8.47 3.53 2.91
CA LEU A 31 8.60 2.65 1.76
C LEU A 31 9.02 3.43 0.51
N SER A 32 8.53 4.66 0.37
CA SER A 32 9.02 5.52 -0.71
C SER A 32 10.54 5.66 -0.63
N LEU A 33 11.05 5.86 0.58
CA LEU A 33 12.48 5.99 0.79
C LEU A 33 13.23 4.70 0.47
N GLU A 34 12.69 3.56 0.90
CA GLU A 34 13.35 2.28 0.65
C GLU A 34 13.39 1.98 -0.84
N LEU A 35 12.31 2.32 -1.55
CA LEU A 35 12.27 2.17 -2.99
C LEU A 35 13.32 3.05 -3.65
N ALA A 36 13.40 4.31 -3.22
CA ALA A 36 14.36 5.25 -3.77
C ALA A 36 15.81 4.81 -3.51
N LYS A 37 16.05 4.26 -2.32
CA LYS A 37 17.38 3.75 -1.95
C LYS A 37 17.87 2.72 -2.96
N ARG A 38 16.94 2.02 -3.59
CA ARG A 38 17.30 0.92 -4.47
C ARG A 38 17.22 1.28 -5.94
N GLY A 39 17.10 2.58 -6.22
CA GLY A 39 17.21 3.06 -7.59
C GLY A 39 15.90 3.33 -8.30
N ALA A 40 14.78 3.07 -7.63
CA ALA A 40 13.48 3.32 -8.22
C ALA A 40 13.19 4.82 -8.28
N HIS A 41 12.48 5.24 -9.34
CA HIS A 41 11.94 6.57 -9.36
C HIS A 41 10.54 6.54 -8.75
N VAL A 42 10.32 7.29 -7.69
CA VAL A 42 9.06 7.25 -6.98
C VAL A 42 8.11 8.35 -7.42
N ILE A 43 6.91 7.95 -7.80
CA ILE A 43 5.79 8.85 -7.97
C ILE A 43 5.07 8.83 -6.63
N ALA A 44 5.15 9.94 -5.90
CA ALA A 44 4.61 9.99 -4.54
C ALA A 44 3.29 10.72 -4.51
N VAL A 45 2.24 10.00 -4.13
CA VAL A 45 0.89 10.55 -4.03
C VAL A 45 0.49 10.73 -2.57
N ALA A 46 -0.02 11.90 -2.24
CA ALA A 46 -0.55 12.20 -0.91
C ALA A 46 -1.49 13.41 -1.00
N ARG A 47 -2.20 13.69 0.10
CA ARG A 47 -3.19 14.74 0.10
C ARG A 47 -2.57 16.14 0.05
N THR A 48 -1.46 16.33 0.77
CA THR A 48 -0.90 17.68 0.88
C THR A 48 0.46 17.83 0.19
N VAL A 49 0.66 19.00 -0.40
CA VAL A 49 1.90 19.28 -1.11
C VAL A 49 3.07 19.39 -0.12
N GLY A 50 2.82 19.97 1.05
CA GLY A 50 3.86 20.12 2.04
C GLY A 50 4.46 18.80 2.51
N GLY A 51 3.60 17.82 2.76
CA GLY A 51 4.05 16.51 3.19
C GLY A 51 4.90 15.81 2.13
N LEU A 52 4.52 15.98 0.86
CA LEU A 52 5.30 15.41 -0.24
C LEU A 52 6.65 16.10 -0.39
N GLU A 53 6.69 17.41 -0.14
CA GLU A 53 7.94 18.16 -0.18
C GLU A 53 8.90 17.70 0.91
N GLU A 54 8.38 17.38 2.09
CA GLU A 54 9.21 16.87 3.18
C GLU A 54 9.80 15.51 2.80
N LEU A 55 9.00 14.67 2.15
CA LEU A 55 9.50 13.39 1.67
C LEU A 55 10.57 13.61 0.60
N ASP A 56 10.34 14.58 -0.26
CA ASP A 56 11.23 14.84 -1.37
C ASP A 56 12.60 15.32 -0.89
N ASP A 57 12.63 16.05 0.21
CA ASP A 57 13.89 16.50 0.79
C ASP A 57 14.78 15.32 1.16
N GLU A 58 14.16 14.26 1.67
CA GLU A 58 14.91 13.07 2.06
C GLU A 58 15.33 12.26 0.84
N ILE A 59 14.45 12.22 -0.15
CA ILE A 59 14.72 11.53 -1.42
CA ILE A 59 14.75 11.51 -1.38
C ILE A 59 15.93 12.15 -2.10
N ARG A 60 15.98 13.49 -2.12
CA ARG A 60 17.06 14.19 -2.78
CA ARG A 60 17.05 14.22 -2.76
C ARG A 60 18.39 14.02 -2.05
N LYS A 61 18.33 13.67 -0.77
CA LYS A 61 19.55 13.41 0.00
C LYS A 61 20.23 12.13 -0.50
N LEU A 62 19.42 11.19 -0.98
CA LEU A 62 19.95 10.05 -1.72
C LEU A 62 20.40 10.55 -3.07
N GLY A 63 20.73 9.64 -3.98
CA GLY A 63 21.06 10.08 -5.32
C GLY A 63 19.84 10.47 -6.14
N SER A 64 18.67 10.44 -5.51
CA SER A 64 17.42 10.38 -6.25
C SER A 64 16.65 11.68 -6.33
N SER A 65 15.49 11.56 -6.96
CA SER A 65 14.49 12.61 -7.02
CA SER A 65 14.49 12.63 -7.04
C SER A 65 13.14 11.97 -7.30
N ALA A 66 12.07 12.58 -6.82
CA ALA A 66 10.75 11.99 -6.94
C ALA A 66 9.82 12.88 -7.76
N THR A 67 8.73 12.28 -8.25
CA THR A 67 7.67 13.04 -8.88
C THR A 67 6.53 13.19 -7.88
N LEU A 68 6.22 14.42 -7.50
CA LEU A 68 5.26 14.68 -6.43
C LEU A 68 3.88 14.94 -7.03
N VAL A 69 2.90 14.17 -6.59
CA VAL A 69 1.53 14.30 -7.09
C VAL A 69 0.56 14.47 -5.94
N PRO A 70 0.36 15.72 -5.50
CA PRO A 70 -0.68 15.93 -4.49
C PRO A 70 -2.06 15.79 -5.12
N LEU A 71 -2.91 14.96 -4.52
CA LEU A 71 -4.28 14.84 -4.98
C LEU A 71 -5.17 14.25 -3.90
N ASP A 72 -6.47 14.43 -4.11
CA ASP A 72 -7.50 13.81 -3.29
C ASP A 72 -7.72 12.41 -3.82
N ILE A 73 -7.47 11.41 -2.98
CA ILE A 73 -7.54 10.02 -3.42
C ILE A 73 -8.98 9.62 -3.76
N THR A 74 -9.93 10.39 -3.26
CA THR A 74 -11.34 10.15 -3.57
C THR A 74 -11.74 10.86 -4.85
N ASP A 75 -10.89 11.76 -5.34
CA ASP A 75 -11.12 12.41 -6.62
C ASP A 75 -10.88 11.34 -7.67
N MET A 76 -11.96 10.68 -8.05
CA MET A 76 -11.85 9.50 -8.88
C MET A 76 -11.34 9.82 -10.31
N GLU A 77 -11.70 11.00 -10.85
CA GLU A 77 -11.18 11.40 -12.15
C GLU A 77 -9.68 11.78 -12.10
N ALA A 78 -9.22 12.31 -10.99
CA ALA A 78 -7.80 12.63 -10.84
C ALA A 78 -6.94 11.37 -10.92
N LEU A 79 -7.47 10.26 -10.41
CA LEU A 79 -6.78 8.97 -10.45
C LEU A 79 -6.70 8.49 -11.89
N ASP A 80 -7.77 8.69 -12.65
CA ASP A 80 -7.75 8.35 -14.07
C ASP A 80 -6.68 9.17 -14.79
N ARG A 81 -6.65 10.48 -14.52
CA ARG A 81 -5.67 11.38 -15.15
C ARG A 81 -4.23 11.04 -14.83
N LEU A 82 -3.97 10.60 -13.59
CA LEU A 82 -2.65 10.18 -13.18
C LEU A 82 -2.15 9.03 -14.07
N GLY A 83 -3.03 8.07 -14.33
CA GLY A 83 -2.70 6.97 -15.21
C GLY A 83 -2.30 7.44 -16.60
N GLY A 84 -3.04 8.43 -17.11
CA GLY A 84 -2.73 9.02 -18.40
C GLY A 84 -1.37 9.72 -18.40
N THR A 85 -1.10 10.45 -17.32
CA THR A 85 0.18 11.14 -17.16
C THR A 85 1.36 10.17 -17.17
N ILE A 86 1.22 9.07 -16.43
CA ILE A 86 2.27 8.08 -16.34
C ILE A 86 2.49 7.44 -17.70
N HIS A 87 1.40 7.12 -18.38
CA HIS A 87 1.50 6.52 -19.70
C HIS A 87 2.26 7.40 -20.68
N GLU A 88 1.92 8.68 -20.72
CA GLU A 88 2.55 9.60 -21.67
C GLU A 88 4.03 9.77 -21.40
N ARG A 89 4.41 9.83 -20.12
CA ARG A 89 5.80 10.14 -19.77
C ARG A 89 6.70 8.89 -19.82
N TRP A 90 6.20 7.77 -19.31
CA TRP A 90 7.03 6.57 -19.17
C TRP A 90 6.49 5.36 -19.93
N GLY A 91 5.18 5.33 -20.21
CA GLY A 91 4.61 4.23 -20.95
C GLY A 91 4.40 2.93 -20.19
N LYS A 92 4.74 2.93 -18.91
CA LYS A 92 4.54 1.77 -18.06
C LYS A 92 4.59 2.17 -16.59
N LEU A 93 4.24 1.24 -15.73
CA LEU A 93 4.43 1.38 -14.29
C LEU A 93 4.97 0.05 -13.77
N ASP A 94 6.06 0.07 -13.02
CA ASP A 94 6.66 -1.18 -12.57
C ASP A 94 6.12 -1.64 -11.22
N ILE A 95 5.89 -0.69 -10.32
CA ILE A 95 5.54 -0.99 -8.94
C ILE A 95 4.37 -0.12 -8.49
N LEU A 96 3.34 -0.73 -7.93
CA LEU A 96 2.26 0.00 -7.27
C LEU A 96 2.24 -0.33 -5.79
N VAL A 97 2.30 0.70 -4.95
CA VAL A 97 2.08 0.52 -3.52
C VAL A 97 0.78 1.21 -3.14
N ALA A 98 -0.25 0.42 -2.93
CA ALA A 98 -1.54 0.94 -2.52
C ALA A 98 -1.54 1.00 -1.00
N ASN A 99 -1.21 2.17 -0.47
CA ASN A 99 -1.04 2.34 0.96
C ASN A 99 -2.04 3.33 1.56
N ALA A 100 -2.65 4.18 0.72
CA ALA A 100 -3.67 5.12 1.17
C ALA A 100 -4.75 4.43 2.02
N GLY A 101 -5.21 5.09 3.08
CA GLY A 101 -6.23 4.53 3.96
C GLY A 101 -6.43 5.23 5.28
N ILE A 102 -7.63 5.10 5.85
CA ILE A 102 -7.95 5.71 7.14
C ILE A 102 -8.49 4.64 8.10
N LEU A 103 -8.37 4.90 9.40
CA LEU A 103 -8.81 3.94 10.40
C LEU A 103 -10.30 4.05 10.72
N GLY A 104 -10.86 5.25 10.55
CA GLY A 104 -12.17 5.53 11.09
C GLY A 104 -12.10 5.61 12.61
N THR A 105 -13.19 5.22 13.26
CA THR A 105 -13.32 5.43 14.69
C THR A 105 -13.65 4.10 15.38
N ILE A 106 -12.90 3.78 16.43
CA ILE A 106 -13.12 2.54 17.16
C ILE A 106 -14.40 2.67 17.96
N SER A 107 -15.33 1.74 17.78
CA SER A 107 -16.60 1.77 18.49
C SER A 107 -17.43 0.56 18.12
N PRO A 108 -18.48 0.28 18.91
CA PRO A 108 -19.44 -0.76 18.49
C PRO A 108 -19.94 -0.46 17.09
N ILE A 109 -20.21 -1.50 16.31
CA ILE A 109 -20.54 -1.31 14.90
CA ILE A 109 -20.57 -1.33 14.91
C ILE A 109 -21.80 -0.42 14.77
N GLY A 110 -22.73 -0.53 15.72
CA GLY A 110 -23.93 0.28 15.67
C GLY A 110 -23.80 1.71 16.16
N HIS A 111 -22.62 2.08 16.64
CA HIS A 111 -22.33 3.43 17.11
C HIS A 111 -21.59 4.25 16.06
N VAL A 112 -21.16 3.59 14.99
CA VAL A 112 -20.41 4.26 13.95
C VAL A 112 -21.25 5.37 13.29
N GLU A 113 -20.62 6.51 13.03
CA GLU A 113 -21.27 7.59 12.30
C GLU A 113 -21.32 7.26 10.82
N ALA A 114 -22.43 7.57 10.16
CA ALA A 114 -22.60 7.23 8.75
C ALA A 114 -21.52 7.85 7.87
N LYS A 115 -21.20 9.11 8.13
CA LYS A 115 -20.19 9.81 7.35
C LYS A 115 -18.84 9.09 7.45
N THR A 116 -18.53 8.60 8.64
CA THR A 116 -17.29 7.87 8.86
C THR A 116 -17.31 6.53 8.14
N PHE A 117 -18.42 5.80 8.24
CA PHE A 117 -18.51 4.54 7.52
C PHE A 117 -18.31 4.75 6.02
N GLU A 118 -19.02 5.72 5.46
CA GLU A 118 -18.94 5.96 4.02
C GLU A 118 -17.52 6.38 3.60
N LYS A 119 -16.85 7.16 4.44
CA LYS A 119 -15.49 7.59 4.16
C LYS A 119 -14.50 6.41 4.21
N VAL A 120 -14.65 5.55 5.22
CA VAL A 120 -13.81 4.38 5.33
C VAL A 120 -13.94 3.54 4.06
N MET A 121 -15.17 3.30 3.63
CA MET A 121 -15.34 2.47 2.44
C MET A 121 -14.87 3.19 1.16
N ASN A 122 -15.13 4.49 1.06
CA ASN A 122 -14.76 5.21 -0.15
C ASN A 122 -13.24 5.33 -0.31
N ILE A 123 -12.55 5.62 0.78
CA ILE A 123 -11.10 5.72 0.74
C ILE A 123 -10.43 4.36 0.71
N ASN A 124 -10.84 3.47 1.62
CA ASN A 124 -10.09 2.22 1.79
C ASN A 124 -10.40 1.19 0.72
N VAL A 125 -11.61 1.23 0.16
CA VAL A 125 -12.01 0.22 -0.82
C VAL A 125 -12.17 0.84 -2.21
N THR A 126 -13.11 1.76 -2.37
CA THR A 126 -13.41 2.25 -3.71
C THR A 126 -12.22 2.96 -4.35
N SER A 127 -11.46 3.76 -3.60
CA SER A 127 -10.33 4.46 -4.20
CA SER A 127 -10.34 4.46 -4.21
C SER A 127 -9.22 3.50 -4.58
N VAL A 128 -9.12 2.37 -3.86
CA VAL A 128 -8.14 1.34 -4.20
C VAL A 128 -8.57 0.69 -5.52
N TRP A 129 -9.85 0.36 -5.65
CA TRP A 129 -10.32 -0.16 -6.92
C TRP A 129 -10.08 0.83 -8.06
N ARG A 130 -10.36 2.11 -7.83
CA ARG A 130 -10.19 3.12 -8.86
C ARG A 130 -8.73 3.19 -9.32
N LEU A 131 -7.82 3.11 -8.35
CA LEU A 131 -6.40 3.09 -8.64
C LEU A 131 -6.01 1.86 -9.46
N ILE A 132 -6.52 0.69 -9.07
CA ILE A 132 -6.25 -0.55 -9.82
C ILE A 132 -6.69 -0.37 -11.26
N ARG A 133 -7.91 0.13 -11.46
CA ARG A 133 -8.40 0.30 -12.83
C ARG A 133 -7.52 1.26 -13.63
N SER A 134 -7.03 2.29 -12.96
CA SER A 134 -6.23 3.28 -13.65
CA SER A 134 -6.22 3.31 -13.63
C SER A 134 -4.84 2.79 -14.04
N VAL A 135 -4.20 1.99 -13.18
CA VAL A 135 -2.82 1.62 -13.49
C VAL A 135 -2.60 0.16 -13.87
N ASP A 136 -3.65 -0.67 -13.83
CA ASP A 136 -3.53 -2.06 -14.28
C ASP A 136 -2.91 -2.16 -15.70
N PRO A 137 -3.39 -1.37 -16.70
CA PRO A 137 -2.74 -1.47 -18.01
C PRO A 137 -1.25 -1.09 -17.99
N LEU A 138 -0.90 -0.12 -17.15
CA LEU A 138 0.49 0.30 -17.06
C LEU A 138 1.37 -0.76 -16.41
N LEU A 139 0.84 -1.41 -15.37
CA LEU A 139 1.57 -2.50 -14.72
C LEU A 139 1.79 -3.68 -15.68
N ARG A 140 0.84 -3.91 -16.57
CA ARG A 140 1.00 -4.99 -17.56
C ARG A 140 2.06 -4.67 -18.61
N ALA A 141 2.37 -3.39 -18.77
CA ALA A 141 3.37 -2.96 -19.74
C ALA A 141 4.79 -3.11 -19.19
N SER A 142 4.91 -3.25 -17.88
CA SER A 142 6.19 -3.56 -17.25
C SER A 142 6.65 -4.97 -17.61
N ASP A 143 7.96 -5.19 -17.63
CA ASP A 143 8.44 -6.56 -17.81
C ASP A 143 8.32 -7.38 -16.52
N ALA A 144 7.93 -6.73 -15.42
CA ALA A 144 7.77 -7.40 -14.13
C ALA A 144 6.93 -6.55 -13.19
N GLY A 145 5.67 -6.31 -13.55
CA GLY A 145 4.81 -5.48 -12.72
C GLY A 145 4.55 -6.08 -11.35
N ARG A 146 4.57 -5.23 -10.32
CA ARG A 146 4.44 -5.67 -8.95
C ARG A 146 3.44 -4.76 -8.23
N ALA A 147 2.37 -5.35 -7.71
CA ALA A 147 1.40 -4.62 -6.93
C ALA A 147 1.48 -5.07 -5.48
N ILE A 148 1.49 -4.09 -4.58
CA ILE A 148 1.70 -4.27 -3.14
C ILE A 148 0.53 -3.60 -2.43
N MET A 149 -0.37 -4.40 -1.89
CA MET A 149 -1.62 -3.89 -1.37
C MET A 149 -1.60 -3.92 0.16
N LEU A 150 -1.60 -2.75 0.78
CA LEU A 150 -1.47 -2.68 2.23
C LEU A 150 -2.78 -3.06 2.91
N SER A 151 -2.68 -3.97 3.88
CA SER A 151 -3.85 -4.39 4.64
C SER A 151 -3.55 -4.25 6.14
N SER A 152 -4.21 -5.08 6.94
CA SER A 152 -4.13 -5.03 8.40
C SER A 152 -4.51 -6.39 8.94
N GLY A 153 -3.89 -6.79 10.03
CA GLY A 153 -4.24 -8.04 10.66
C GLY A 153 -5.70 -8.12 11.07
N VAL A 154 -6.35 -6.98 11.32
CA VAL A 154 -7.72 -7.04 11.81
C VAL A 154 -8.66 -7.48 10.69
N ALA A 155 -8.19 -7.43 9.44
CA ALA A 155 -8.96 -7.99 8.32
C ALA A 155 -9.31 -9.45 8.57
N HIS A 156 -8.43 -10.16 9.29
CA HIS A 156 -8.65 -11.57 9.58
C HIS A 156 -8.99 -11.84 11.05
N SER A 157 -8.48 -11.04 11.97
CA SER A 157 -8.80 -11.25 13.38
C SER A 157 -10.21 -10.77 13.75
N CYS A 158 -10.75 -9.85 12.95
CA CYS A 158 -12.12 -9.34 13.16
C CYS A 158 -12.31 -8.87 14.59
N ARG A 159 -11.35 -8.07 15.03
CA ARG A 159 -11.34 -7.52 16.37
CA ARG A 159 -11.34 -7.53 16.39
C ARG A 159 -12.61 -6.75 16.70
N ALA A 160 -13.15 -6.96 17.90
CA ALA A 160 -14.29 -6.19 18.37
C ALA A 160 -14.01 -4.69 18.27
N PHE A 161 -15.00 -3.94 17.79
CA PHE A 161 -15.02 -2.47 17.72
C PHE A 161 -14.18 -1.91 16.58
N TRP A 162 -13.68 -2.80 15.71
CA TRP A 162 -12.90 -2.40 14.54
C TRP A 162 -13.60 -2.75 13.22
N GLY A 163 -14.93 -2.86 13.27
CA GLY A 163 -15.69 -3.43 12.15
C GLY A 163 -15.53 -2.81 10.77
N PRO A 164 -15.80 -1.51 10.63
CA PRO A 164 -15.71 -0.92 9.29
C PRO A 164 -14.29 -0.99 8.73
N TYR A 165 -13.30 -0.69 9.54
CA TYR A 165 -11.93 -0.76 9.09
C TYR A 165 -11.55 -2.18 8.69
N ALA A 166 -11.84 -3.14 9.56
CA ALA A 166 -11.54 -4.54 9.28
C ALA A 166 -12.19 -4.99 7.98
N ALA A 167 -13.46 -4.66 7.81
CA ALA A 167 -14.19 -5.08 6.62
C ALA A 167 -13.60 -4.46 5.37
N SER A 168 -13.20 -3.19 5.46
CA SER A 168 -12.62 -2.50 4.30
C SER A 168 -11.32 -3.17 3.87
N LYS A 169 -10.51 -3.61 4.83
CA LYS A 169 -9.24 -4.23 4.50
C LYS A 169 -9.44 -5.67 3.99
N ALA A 170 -10.43 -6.36 4.52
CA ALA A 170 -10.79 -7.68 3.96
C ALA A 170 -11.21 -7.53 2.49
N ALA A 171 -11.97 -6.48 2.19
CA ALA A 171 -12.40 -6.24 0.81
C ALA A 171 -11.20 -5.99 -0.10
N VAL A 172 -10.24 -5.19 0.37
CA VAL A 172 -9.02 -4.94 -0.39
C VAL A 172 -8.29 -6.24 -0.69
N GLU A 173 -8.12 -7.09 0.33
CA GLU A 173 -7.42 -8.35 0.10
C GLU A 173 -8.17 -9.23 -0.91
N VAL A 174 -9.49 -9.26 -0.84
CA VAL A 174 -10.23 -10.09 -1.79
C VAL A 174 -10.11 -9.52 -3.20
N MET A 175 -10.21 -8.20 -3.36
CA MET A 175 -9.96 -7.62 -4.70
C MET A 175 -8.58 -8.02 -5.22
N ALA A 176 -7.57 -7.95 -4.35
CA ALA A 176 -6.21 -8.31 -4.72
C ALA A 176 -6.10 -9.78 -5.12
N ARG A 177 -6.77 -10.66 -4.37
CA ARG A 177 -6.75 -12.09 -4.70
C ARG A 177 -7.42 -12.37 -6.04
N CYS A 178 -8.55 -11.72 -6.30
CA CYS A 178 -9.24 -11.91 -7.58
C CYS A 178 -8.38 -11.39 -8.73
N TRP A 179 -7.80 -10.21 -8.56
CA TRP A 179 -6.91 -9.61 -9.55
C TRP A 179 -5.72 -10.54 -9.84
N ALA A 180 -5.12 -11.09 -8.79
CA ALA A 180 -4.00 -12.04 -8.94
C ALA A 180 -4.43 -13.28 -9.72
N GLU A 181 -5.62 -13.80 -9.42
CA GLU A 181 -6.11 -14.98 -10.14
C GLU A 181 -6.34 -14.67 -11.62
N GLU A 182 -6.84 -13.48 -11.90
CA GLU A 182 -7.12 -13.06 -13.28
C GLU A 182 -5.84 -12.91 -14.10
N THR A 183 -4.73 -12.65 -13.42
CA THR A 183 -3.47 -12.31 -14.09
C THR A 183 -2.35 -13.31 -13.83
N LYS A 184 -2.69 -14.46 -13.26
CA LYS A 184 -1.63 -15.34 -12.75
C LYS A 184 -0.70 -15.87 -13.84
N LYS A 185 -1.12 -15.88 -15.10
CA LYS A 185 -0.25 -16.38 -16.17
C LYS A 185 0.62 -15.27 -16.77
N MET A 186 0.42 -14.04 -16.31
CA MET A 186 1.17 -12.89 -16.78
C MET A 186 2.39 -12.63 -15.92
N LYS A 187 3.20 -11.66 -16.32
CA LYS A 187 4.38 -11.29 -15.54
C LYS A 187 4.01 -10.51 -14.28
N LEU A 188 2.84 -9.89 -14.28
CA LEU A 188 2.34 -9.14 -13.13
C LEU A 188 2.12 -10.04 -11.91
N LYS A 189 2.62 -9.60 -10.76
CA LYS A 189 2.38 -10.28 -9.49
C LYS A 189 1.73 -9.29 -8.53
N ILE A 190 0.71 -9.76 -7.81
CA ILE A 190 -0.08 -8.95 -6.87
C ILE A 190 -0.14 -9.63 -5.51
N ASN A 191 0.27 -8.94 -4.45
CA ASN A 191 0.16 -9.50 -3.10
C ASN A 191 -0.32 -8.45 -2.12
N SER A 192 -0.96 -8.91 -1.05
CA SER A 192 -1.32 -8.04 0.06
C SER A 192 -0.25 -8.12 1.15
N VAL A 193 -0.24 -7.13 2.03
CA VAL A 193 0.74 -7.01 3.11
C VAL A 193 0.04 -6.73 4.43
N ASN A 194 0.38 -7.52 5.45
CA ASN A 194 0.08 -7.16 6.82
C ASN A 194 1.36 -6.61 7.45
N PRO A 195 1.46 -5.28 7.55
CA PRO A 195 2.72 -4.71 8.03
C PRO A 195 2.93 -4.89 9.52
N GLY A 196 1.87 -5.27 10.24
CA GLY A 196 1.94 -5.36 11.68
C GLY A 196 1.95 -3.97 12.31
N ALA A 197 2.05 -3.94 13.62
CA ALA A 197 2.14 -2.68 14.35
C ALA A 197 3.57 -2.16 14.36
N THR A 198 3.73 -0.85 14.32
CA THR A 198 5.06 -0.26 14.47
C THR A 198 5.08 0.61 15.72
N ARG A 199 6.26 1.09 16.10
CA ARG A 199 6.37 1.85 17.34
C ARG A 199 5.72 3.22 17.22
N THR A 200 5.46 3.64 15.99
CA THR A 200 4.70 4.86 15.76
C THR A 200 3.40 4.50 15.02
N ALA A 201 3.52 4.24 13.73
CA ALA A 201 2.36 3.90 12.92
C ALA A 201 1.68 2.61 13.40
N MET A 202 0.36 2.69 13.60
CA MET A 202 -0.48 1.54 13.94
C MET A 202 -0.11 0.79 15.22
N ARG A 203 0.36 1.51 16.24
CA ARG A 203 0.69 0.92 17.54
C ARG A 203 -0.47 0.12 18.12
N ALA A 204 -1.68 0.65 17.99
CA ALA A 204 -2.85 0.04 18.60
C ALA A 204 -3.17 -1.33 18.02
N GLN A 205 -2.58 -1.64 16.87
CA GLN A 205 -2.86 -2.91 16.19
C GLN A 205 -1.94 -4.04 16.63
N ALA A 206 -1.10 -3.80 17.64
CA ALA A 206 -0.20 -4.83 18.15
C ALA A 206 -0.95 -6.10 18.50
N MET A 207 -0.32 -7.24 18.24
CA MET A 207 -0.96 -8.53 18.49
CA MET A 207 -0.90 -8.56 18.47
C MET A 207 -0.84 -8.94 19.95
N PRO A 208 -1.74 -9.84 20.38
CA PRO A 208 -1.54 -10.44 21.69
C PRO A 208 -0.21 -11.20 21.68
N GLY A 209 0.64 -10.96 22.67
CA GLY A 209 1.95 -11.58 22.70
C GLY A 209 2.99 -10.77 21.97
N GLU A 210 2.61 -9.60 21.47
CA GLU A 210 3.56 -8.70 20.83
C GLU A 210 3.89 -7.55 21.78
N ASP A 211 5.16 -7.45 22.14
CA ASP A 211 5.63 -6.49 23.14
C ASP A 211 5.59 -5.04 22.64
N PRO A 212 4.78 -4.20 23.31
CA PRO A 212 4.65 -2.78 22.97
C PRO A 212 5.98 -2.02 23.09
N GLU A 213 6.89 -2.51 23.92
CA GLU A 213 8.18 -1.84 24.12
C GLU A 213 9.16 -2.17 23.00
N THR A 214 8.86 -3.19 22.20
CA THR A 214 9.80 -3.59 21.16
C THR A 214 9.13 -3.66 19.81
N LEU A 215 8.12 -2.82 19.61
CA LEU A 215 7.49 -2.72 18.30
C LEU A 215 8.52 -2.20 17.30
N PRO A 216 8.49 -2.75 16.07
CA PRO A 216 9.46 -2.41 15.03
C PRO A 216 9.39 -0.94 14.62
N THR A 217 10.51 -0.40 14.15
CA THR A 217 10.50 0.90 13.50
C THR A 217 9.75 0.78 12.18
N PRO A 218 9.09 1.86 11.75
CA PRO A 218 8.44 1.83 10.43
C PRO A 218 9.47 1.61 9.31
N GLN A 219 10.69 2.08 9.50
CA GLN A 219 11.73 1.89 8.51
C GLN A 219 12.01 0.40 8.32
N SER A 220 12.10 -0.34 9.43
CA SER A 220 12.42 -1.77 9.34
C SER A 220 11.28 -2.52 8.67
N VAL A 221 10.06 -2.06 8.88
CA VAL A 221 8.90 -2.69 8.25
C VAL A 221 8.92 -2.42 6.75
N ALA A 222 9.18 -1.18 6.37
CA ALA A 222 9.23 -0.81 4.96
C ALA A 222 10.33 -1.58 4.24
N GLU A 223 11.45 -1.78 4.94
CA GLU A 223 12.57 -2.51 4.38
C GLU A 223 12.20 -3.95 3.99
N LYS A 224 11.35 -4.59 4.77
CA LYS A 224 10.89 -5.94 4.46
CA LYS A 224 10.92 -5.94 4.43
C LYS A 224 9.90 -5.92 3.30
N ILE A 225 9.00 -4.94 3.29
CA ILE A 225 7.97 -4.87 2.25
C ILE A 225 8.55 -4.70 0.85
N VAL A 226 9.70 -4.04 0.76
CA VAL A 226 10.28 -3.71 -0.54
C VAL A 226 10.65 -4.99 -1.30
N LYS A 227 10.74 -6.11 -0.58
CA LYS A 227 10.96 -7.40 -1.23
C LYS A 227 9.83 -7.77 -2.21
N LEU A 228 8.64 -7.23 -1.98
CA LEU A 228 7.50 -7.52 -2.85
C LEU A 228 7.57 -6.76 -4.18
N ALA A 229 8.54 -5.85 -4.28
CA ALA A 229 8.75 -5.08 -5.52
C ALA A 229 9.79 -5.75 -6.43
N ASP A 230 10.39 -6.83 -5.94
CA ASP A 230 11.46 -7.55 -6.63
C ASP A 230 11.03 -8.16 -7.96
N PRO A 231 11.69 -7.79 -9.06
CA PRO A 231 11.40 -8.45 -10.34
C PRO A 231 11.66 -9.96 -10.30
N LYS A 232 12.41 -10.42 -9.30
CA LYS A 232 12.66 -11.86 -9.16
C LYS A 232 11.54 -12.57 -8.38
N LEU A 233 10.62 -11.81 -7.81
CA LEU A 233 9.51 -12.39 -7.04
C LEU A 233 8.67 -13.29 -7.94
N GLU A 234 8.29 -14.46 -7.45
CA GLU A 234 7.48 -15.38 -8.23
C GLU A 234 6.08 -15.56 -7.64
N VAL A 235 5.88 -15.04 -6.43
CA VAL A 235 4.67 -15.24 -5.65
C VAL A 235 3.57 -14.25 -6.05
N THR A 236 2.34 -14.74 -6.17
CA THR A 236 1.18 -13.89 -6.43
C THR A 236 -0.05 -14.43 -5.69
N GLY A 237 -0.95 -13.52 -5.31
CA GLY A 237 -2.16 -13.89 -4.62
C GLY A 237 -2.01 -14.28 -3.15
N LYS A 238 -0.89 -13.90 -2.53
CA LYS A 238 -0.66 -14.26 -1.14
C LYS A 238 -0.67 -13.05 -0.20
N LEU A 239 -0.57 -13.34 1.09
CA LEU A 239 -0.51 -12.31 2.12
C LEU A 239 0.88 -12.32 2.75
N PHE A 240 1.63 -11.25 2.57
CA PHE A 240 2.93 -11.14 3.20
C PHE A 240 2.79 -10.59 4.60
N ASP A 241 3.22 -11.37 5.59
CA ASP A 241 3.18 -10.99 6.99
C ASP A 241 4.56 -10.46 7.36
N VAL A 242 4.68 -9.15 7.54
CA VAL A 242 5.99 -8.54 7.79
C VAL A 242 6.60 -9.02 9.10
N ARG A 243 5.81 -9.02 10.16
CA ARG A 243 6.28 -9.45 11.47
C ARG A 243 6.84 -10.88 11.41
N GLN A 244 6.16 -11.78 10.69
CA GLN A 244 6.63 -13.16 10.56
C GLN A 244 7.65 -13.32 9.43
N ASP A 245 7.79 -12.25 8.65
CA ASP A 245 8.70 -12.18 7.50
C ASP A 245 8.52 -13.36 6.55
N ARG A 246 7.28 -13.62 6.18
CA ARG A 246 6.98 -14.70 5.25
C ARG A 246 5.61 -14.53 4.64
N PHE A 247 5.42 -15.18 3.49
CA PHE A 247 4.12 -15.25 2.86
C PHE A 247 3.25 -16.28 3.56
N LEU A 248 1.99 -15.93 3.75
CA LEU A 248 1.00 -16.82 4.31
C LEU A 248 0.02 -17.23 3.23
N ASP A 249 -0.53 -18.43 3.38
CA ASP A 249 -1.60 -18.90 2.51
C ASP A 249 -2.97 -18.58 3.11
N TYR A 250 -3.92 -18.29 2.23
CA TYR A 250 -5.31 -18.15 2.64
C TYR A 250 -5.96 -19.51 2.80
N HIS A 251 -6.88 -19.61 3.76
CA HIS A 251 -7.58 -20.85 4.05
C HIS A 251 -9.09 -20.70 4.00
N MET A 252 -9.75 -21.56 3.23
CA MET A 252 -11.20 -21.59 3.17
C MET A 252 -11.78 -21.91 4.55
N PRO A 253 -12.91 -21.27 4.90
CA PRO A 253 -13.63 -21.74 6.10
C PRO A 253 -13.93 -23.22 6.00
N SER A 254 -13.82 -23.95 7.10
CA SER A 254 -14.09 -25.38 7.07
C SER A 254 -14.47 -25.92 8.45
#